data_6AP6
#
_entry.id   6AP6
#
_cell.length_a   36.860
_cell.length_b   55.830
_cell.length_c   69.230
_cell.angle_alpha   95.760
_cell.angle_beta   95.130
_cell.angle_gamma   108.460
#
_symmetry.space_group_name_H-M   'P 1'
#
loop_
_entity.id
_entity.type
_entity.pdbx_description
1 polymer 'Probable strigolactone esterase DAD2'
2 non-polymer '2-[(3-chloro-2-methylphenyl)amino]benzoic acid'
3 water water
#
_entity_poly.entity_id   1
_entity_poly.type   'polypeptide(L)'
_entity_poly.pdbx_seq_one_letter_code
;GGMGQTLLDALNVRVVGSGERVLVLAHGFGTDQSAWNRILPFFLRDYRVVLYDLVCAGSVNPDFFDFRRYTTLDPYVDDL
LHILDALGIDQCAYVGHSVSAMIGILASIRRPELFSKLILIGASPRFLNDEDYHGGFEQGEIEKVFSAMEANYEAWVNGF
APLAVGADVPAAVREFSRTLFNMRPDITLFVSRTVFNSDMRGVLGLVKVPCHIFQTARDHSVPASVATYLKNHLGGKNTV
HWLNIEGHLPHLSAPTLLAQELRRALSHR
;
_entity_poly.pdbx_strand_id   A,B
#
loop_
_chem_comp.id
_chem_comp.type
_chem_comp.name
_chem_comp.formula
TLF non-polymer '2-[(3-chloro-2-methylphenyl)amino]benzoic acid' 'C14 H12 Cl N O2'
#
# COMPACT_ATOMS: atom_id res chain seq x y z
N GLN A 5 12.69 -11.42 9.90
CA GLN A 5 13.31 -10.07 9.69
C GLN A 5 12.82 -9.35 8.41
N THR A 6 12.86 -10.04 7.27
CA THR A 6 12.12 -9.57 6.08
C THR A 6 10.63 -9.53 6.42
N LEU A 7 10.13 -10.56 7.12
CA LEU A 7 8.76 -10.57 7.62
C LEU A 7 8.50 -9.45 8.65
N LEU A 8 9.42 -9.26 9.60
CA LEU A 8 9.29 -8.15 10.57
C LEU A 8 9.17 -6.82 9.85
N ASP A 9 9.99 -6.61 8.81
CA ASP A 9 9.89 -5.37 8.01
C ASP A 9 8.58 -5.34 7.22
N ALA A 10 8.19 -6.48 6.62
CA ALA A 10 7.02 -6.48 5.72
C ALA A 10 5.71 -6.14 6.45
N LEU A 11 5.59 -6.61 7.68
CA LEU A 11 4.38 -6.46 8.47
C LEU A 11 4.52 -5.35 9.53
N ASN A 12 5.51 -4.49 9.34
CA ASN A 12 5.64 -3.26 10.15
C ASN A 12 5.66 -3.54 11.63
N VAL A 13 6.41 -4.56 12.03
CA VAL A 13 6.47 -4.95 13.44
C VAL A 13 7.13 -3.82 14.24
N ARG A 14 6.51 -3.49 15.38
CA ARG A 14 7.00 -2.43 16.24
C ARG A 14 6.96 -2.94 17.68
N VAL A 15 8.05 -2.72 18.42
CA VAL A 15 8.09 -3.07 19.85
C VAL A 15 8.38 -1.79 20.62
N VAL A 16 7.51 -1.48 21.57
CA VAL A 16 7.61 -0.22 22.36
C VAL A 16 7.28 -0.50 23.82
N GLY A 17 7.56 0.46 24.70
CA GLY A 17 7.24 0.31 26.12
C GLY A 17 8.43 0.01 26.99
N SER A 18 8.26 0.28 28.27
CA SER A 18 9.33 0.21 29.27
C SER A 18 9.20 -1.00 30.20
N GLY A 19 8.10 -1.73 30.07
CA GLY A 19 7.84 -2.86 30.94
C GLY A 19 8.51 -4.12 30.43
N GLU A 20 8.20 -5.22 31.08
CA GLU A 20 8.78 -6.51 30.76
C GLU A 20 7.80 -7.53 30.24
N ARG A 21 6.62 -7.58 30.85
CA ARG A 21 5.55 -8.49 30.41
C ARG A 21 5.16 -8.13 28.97
N VAL A 22 5.15 -9.13 28.08
CA VAL A 22 4.89 -8.87 26.68
C VAL A 22 3.40 -8.83 26.42
N LEU A 23 2.98 -7.78 25.70
CA LEU A 23 1.60 -7.59 25.38
C LEU A 23 1.53 -7.39 23.87
N VAL A 24 0.86 -8.32 23.19
CA VAL A 24 0.70 -8.25 21.74
C VAL A 24 -0.65 -7.63 21.44
N LEU A 25 -0.65 -6.57 20.64
CA LEU A 25 -1.86 -5.90 20.20
C LEU A 25 -2.05 -6.13 18.70
N ALA A 26 -3.02 -6.99 18.35
CA ALA A 26 -3.25 -7.43 17.00
C ALA A 26 -4.57 -6.89 16.47
N HIS A 27 -4.48 -5.97 15.52
CA HIS A 27 -5.64 -5.34 14.94
C HIS A 27 -6.44 -6.32 14.10
N GLY A 28 -7.67 -5.93 13.76
CA GLY A 28 -8.52 -6.75 12.91
C GLY A 28 -8.92 -6.07 11.63
N PHE A 29 -10.08 -6.48 11.13
CA PHE A 29 -10.46 -6.14 9.79
C PHE A 29 -10.63 -4.64 9.59
N GLY A 30 -10.07 -4.16 8.49
CA GLY A 30 -10.34 -2.80 8.07
C GLY A 30 -9.43 -1.75 8.67
N THR A 31 -8.55 -2.14 9.58
CA THR A 31 -7.63 -1.23 10.25
C THR A 31 -6.21 -1.68 10.03
N ASP A 32 -5.29 -0.92 10.59
CA ASP A 32 -3.91 -1.37 10.78
C ASP A 32 -3.54 -1.21 12.26
N GLN A 33 -2.25 -1.30 12.59
CA GLN A 33 -1.84 -1.28 14.00
C GLN A 33 -2.09 0.11 14.62
N SER A 34 -2.27 1.14 13.79
CA SER A 34 -2.56 2.50 14.29
C SER A 34 -3.90 2.59 15.02
N ALA A 35 -4.79 1.60 14.84
CA ALA A 35 -6.04 1.48 15.59
C ALA A 35 -5.77 1.40 17.09
N TRP A 36 -4.57 0.97 17.47
CA TRP A 36 -4.21 0.93 18.88
C TRP A 36 -3.57 2.21 19.43
N ASN A 37 -3.42 3.24 18.61
CA ASN A 37 -2.65 4.45 18.99
C ASN A 37 -3.17 5.14 20.27
N ARG A 38 -4.46 5.18 20.46
CA ARG A 38 -5.02 5.84 21.65
C ARG A 38 -5.10 4.97 22.94
N ILE A 39 -4.99 3.65 22.78
CA ILE A 39 -4.82 2.66 23.87
C ILE A 39 -3.40 2.70 24.39
N LEU A 40 -2.46 2.82 23.47
CA LEU A 40 -1.06 2.57 23.72
C LEU A 40 -0.43 3.31 24.93
N PRO A 41 -0.76 4.63 25.14
CA PRO A 41 -0.16 5.32 26.27
C PRO A 41 -0.42 4.68 27.62
N PHE A 42 -1.55 3.99 27.75
CA PHE A 42 -1.93 3.33 29.00
C PHE A 42 -1.12 2.07 29.35
N PHE A 43 -0.32 1.58 28.41
CA PHE A 43 0.48 0.35 28.60
C PHE A 43 1.99 0.52 28.52
N LEU A 44 2.48 1.70 28.11
CA LEU A 44 3.91 1.89 27.89
C LEU A 44 4.75 1.77 29.15
N ARG A 45 4.21 2.19 30.29
CA ARG A 45 5.00 2.24 31.53
C ARG A 45 5.31 0.84 32.07
N ASP A 46 4.40 -0.12 31.89
CA ASP A 46 4.54 -1.42 32.55
C ASP A 46 4.36 -2.65 31.65
N TYR A 47 4.32 -2.46 30.34
CA TYR A 47 4.35 -3.55 29.39
C TYR A 47 5.40 -3.34 28.30
N ARG A 48 5.77 -4.44 27.66
CA ARG A 48 6.56 -4.40 26.45
C ARG A 48 5.58 -4.76 25.35
N VAL A 49 5.22 -3.77 24.54
CA VAL A 49 4.09 -3.87 23.62
C VAL A 49 4.58 -4.20 22.21
N VAL A 50 4.01 -5.27 21.64
CA VAL A 50 4.34 -5.74 20.30
C VAL A 50 3.12 -5.48 19.41
N LEU A 51 3.37 -4.74 18.35
CA LEU A 51 2.36 -4.41 17.36
C LEU A 51 2.83 -4.88 16.00
N TYR A 52 1.87 -5.27 15.15
CA TYR A 52 2.16 -5.59 13.77
C TYR A 52 0.93 -5.35 12.90
N ASP A 53 1.17 -5.25 11.60
CA ASP A 53 0.07 -5.21 10.62
C ASP A 53 -0.18 -6.59 10.00
N LEU A 54 -1.43 -7.02 10.02
CA LEU A 54 -1.86 -8.13 9.20
C LEU A 54 -1.47 -7.87 7.73
N VAL A 55 -1.16 -8.94 7.00
CA VAL A 55 -0.72 -8.81 5.61
C VAL A 55 -1.74 -8.06 4.73
N CYS A 56 -3.02 -8.12 5.11
CA CYS A 56 -4.06 -7.45 4.34
C CYS A 56 -4.23 -5.96 4.67
N ALA A 57 -3.51 -5.47 5.67
CA ALA A 57 -3.64 -4.04 6.08
C ALA A 57 -3.23 -3.11 4.92
N GLY A 58 -3.90 -1.94 4.82
CA GLY A 58 -3.61 -0.93 3.78
C GLY A 58 -2.20 -0.36 3.86
N SER A 59 -1.56 -0.50 5.01
CA SER A 59 -0.22 -0.02 5.29
C SER A 59 0.90 -1.01 4.93
N VAL A 60 0.51 -2.21 4.46
CA VAL A 60 1.42 -3.24 4.01
C VAL A 60 1.45 -3.19 2.47
N ASN A 61 2.63 -3.42 1.92
CA ASN A 61 2.79 -3.48 0.47
C ASN A 61 1.88 -4.59 -0.08
N PRO A 62 0.95 -4.23 -0.98
CA PRO A 62 0.03 -5.26 -1.52
C PRO A 62 0.72 -6.41 -2.26
N ASP A 63 1.97 -6.21 -2.66
CA ASP A 63 2.80 -7.27 -3.27
C ASP A 63 2.98 -8.46 -2.35
N PHE A 64 2.92 -8.25 -1.03
CA PHE A 64 3.00 -9.35 -0.06
C PHE A 64 1.72 -10.18 0.07
N PHE A 65 0.58 -9.68 -0.43
CA PHE A 65 -0.67 -10.39 -0.31
C PHE A 65 -0.82 -11.40 -1.42
N ASP A 66 -0.36 -12.61 -1.14
CA ASP A 66 -0.36 -13.73 -2.09
C ASP A 66 -1.70 -14.44 -2.01
N PHE A 67 -2.54 -14.28 -3.03
CA PHE A 67 -3.89 -14.87 -3.02
C PHE A 67 -3.84 -16.40 -3.08
N ARG A 68 -2.74 -16.97 -3.57
CA ARG A 68 -2.58 -18.44 -3.56
C ARG A 68 -2.24 -18.98 -2.18
N ARG A 69 -1.69 -18.13 -1.31
CA ARG A 69 -1.28 -18.53 0.03
C ARG A 69 -2.36 -18.28 1.07
N TYR A 70 -2.88 -17.03 1.12
CA TYR A 70 -3.75 -16.62 2.20
C TYR A 70 -5.21 -17.01 1.98
N THR A 71 -5.47 -18.31 1.92
CA THR A 71 -6.79 -18.82 1.58
C THR A 71 -7.64 -19.21 2.80
N THR A 72 -6.99 -19.36 3.94
CA THR A 72 -7.67 -19.66 5.22
C THR A 72 -6.94 -18.86 6.30
N LEU A 73 -7.38 -19.00 7.54
CA LEU A 73 -6.68 -18.30 8.62
C LEU A 73 -5.31 -18.89 8.95
N ASP A 74 -5.04 -20.14 8.59
CA ASP A 74 -3.77 -20.75 8.98
C ASP A 74 -2.49 -19.97 8.58
N PRO A 75 -2.37 -19.49 7.32
CA PRO A 75 -1.18 -18.68 6.98
C PRO A 75 -1.05 -17.36 7.75
N TYR A 76 -2.17 -16.81 8.20
CA TYR A 76 -2.12 -15.63 9.09
C TYR A 76 -1.53 -16.03 10.45
N VAL A 77 -1.93 -17.21 10.93
CA VAL A 77 -1.33 -17.78 12.15
C VAL A 77 0.17 -17.97 11.98
N ASP A 78 0.60 -18.57 10.86
CA ASP A 78 2.02 -18.73 10.55
C ASP A 78 2.78 -17.38 10.68
N ASP A 79 2.23 -16.31 10.12
CA ASP A 79 2.83 -14.96 10.21
C ASP A 79 2.99 -14.49 11.66
N LEU A 80 1.94 -14.65 12.45
CA LEU A 80 1.98 -14.26 13.87
C LEU A 80 3.06 -15.01 14.61
N LEU A 81 3.07 -16.34 14.45
CA LEU A 81 4.05 -17.15 15.14
C LEU A 81 5.48 -16.89 14.70
N HIS A 82 5.69 -16.66 13.41
CA HIS A 82 7.02 -16.32 12.91
C HIS A 82 7.53 -14.99 13.50
N ILE A 83 6.64 -14.02 13.62
CA ILE A 83 6.95 -12.75 14.29
C ILE A 83 7.39 -12.96 15.75
N LEU A 84 6.58 -13.65 16.53
CA LEU A 84 6.87 -13.86 17.94
C LEU A 84 8.17 -14.67 18.11
N ASP A 85 8.36 -15.71 17.30
CA ASP A 85 9.63 -16.48 17.28
C ASP A 85 10.83 -15.59 16.94
N ALA A 86 10.71 -14.77 15.91
CA ALA A 86 11.82 -13.92 15.50
C ALA A 86 12.18 -12.89 16.57
N LEU A 87 11.19 -12.42 17.33
CA LEU A 87 11.40 -11.50 18.45
C LEU A 87 11.88 -12.18 19.74
N GLY A 88 11.91 -13.51 19.74
CA GLY A 88 12.40 -14.30 20.85
C GLY A 88 11.41 -14.28 22.00
N ILE A 89 10.13 -14.18 21.69
CA ILE A 89 9.07 -14.12 22.71
C ILE A 89 8.69 -15.55 22.99
N ASP A 90 8.85 -15.99 24.21
CA ASP A 90 8.32 -17.33 24.49
C ASP A 90 7.05 -17.32 25.36
N GLN A 91 6.68 -16.18 25.97
CA GLN A 91 5.34 -16.06 26.54
C GLN A 91 4.82 -14.63 26.49
N CYS A 92 3.54 -14.49 26.21
CA CYS A 92 2.90 -13.15 26.12
C CYS A 92 1.42 -13.21 26.43
N ALA A 93 0.85 -12.05 26.69
CA ALA A 93 -0.59 -11.85 26.68
C ALA A 93 -0.91 -11.31 25.28
N TYR A 94 -2.05 -11.71 24.73
CA TYR A 94 -2.37 -11.37 23.36
C TYR A 94 -3.77 -10.79 23.31
N VAL A 95 -3.88 -9.65 22.64
CA VAL A 95 -5.15 -8.98 22.42
C VAL A 95 -5.42 -8.99 20.93
N GLY A 96 -6.53 -9.62 20.56
CA GLY A 96 -6.91 -9.70 19.14
C GLY A 96 -8.28 -9.11 18.91
N HIS A 97 -8.33 -8.12 18.05
CA HIS A 97 -9.57 -7.58 17.55
C HIS A 97 -10.10 -8.34 16.31
N SER A 98 -11.39 -8.64 16.30
CA SER A 98 -12.09 -9.11 15.10
C SER A 98 -11.39 -10.39 14.62
N VAL A 99 -10.91 -10.43 13.39
CA VAL A 99 -10.30 -11.67 12.87
C VAL A 99 -9.05 -12.09 13.67
N SER A 100 -8.34 -11.13 14.25
CA SER A 100 -7.16 -11.45 15.05
C SER A 100 -7.48 -12.19 16.33
N ALA A 101 -8.73 -12.11 16.80
CA ALA A 101 -9.15 -12.99 17.91
C ALA A 101 -9.08 -14.46 17.49
N MET A 102 -9.59 -14.79 16.31
CA MET A 102 -9.54 -16.17 15.81
C MET A 102 -8.12 -16.59 15.47
N ILE A 103 -7.34 -15.69 14.90
CA ILE A 103 -5.93 -16.00 14.65
C ILE A 103 -5.22 -16.38 15.97
N GLY A 104 -5.50 -15.61 17.03
CA GLY A 104 -4.90 -15.89 18.33
C GLY A 104 -5.32 -17.22 18.94
N ILE A 105 -6.60 -17.55 18.78
CA ILE A 105 -7.13 -18.84 19.22
C ILE A 105 -6.38 -19.95 18.51
N LEU A 106 -6.28 -19.86 17.20
CA LEU A 106 -5.59 -20.92 16.45
C LEU A 106 -4.10 -20.99 16.82
N ALA A 107 -3.48 -19.84 17.00
CA ALA A 107 -2.10 -19.77 17.42
C ALA A 107 -1.90 -20.46 18.75
N SER A 108 -2.85 -20.28 19.68
N SER A 108 -2.85 -20.28 19.69
CA SER A 108 -2.75 -20.90 21.01
CA SER A 108 -2.74 -20.91 21.01
C SER A 108 -2.88 -22.41 20.95
C SER A 108 -2.88 -22.42 20.95
N ILE A 109 -3.72 -22.90 20.05
CA ILE A 109 -3.82 -24.35 19.82
C ILE A 109 -2.48 -24.93 19.33
N ARG A 110 -1.84 -24.23 18.42
CA ARG A 110 -0.53 -24.63 17.90
C ARG A 110 0.59 -24.50 18.92
N ARG A 111 0.51 -23.46 19.74
CA ARG A 111 1.56 -23.17 20.71
C ARG A 111 0.92 -22.87 22.07
N PRO A 112 0.44 -23.91 22.77
CA PRO A 112 -0.29 -23.73 24.04
C PRO A 112 0.48 -23.04 25.18
N GLU A 113 1.81 -23.06 25.15
CA GLU A 113 2.66 -22.43 26.17
C GLU A 113 2.97 -20.93 25.87
N LEU A 114 2.70 -20.49 24.65
CA LEU A 114 3.10 -19.16 24.20
C LEU A 114 2.23 -18.05 24.79
N PHE A 115 0.97 -18.34 25.08
CA PHE A 115 0.03 -17.30 25.53
C PHE A 115 -0.39 -17.56 26.97
N SER A 116 -0.19 -16.58 27.83
CA SER A 116 -0.67 -16.67 29.21
C SER A 116 -2.16 -16.38 29.28
N LYS A 117 -2.65 -15.59 28.33
CA LYS A 117 -4.01 -15.11 28.34
C LYS A 117 -4.33 -14.60 26.93
N LEU A 118 -5.56 -14.82 26.47
CA LEU A 118 -6.08 -14.17 25.27
C LEU A 118 -7.18 -13.21 25.64
N ILE A 119 -7.10 -12.02 25.06
CA ILE A 119 -8.18 -11.06 25.19
C ILE A 119 -8.76 -10.88 23.79
N LEU A 120 -10.05 -11.16 23.66
CA LEU A 120 -10.75 -11.19 22.40
C LEU A 120 -11.71 -10.03 22.34
N ILE A 121 -11.62 -9.22 21.27
CA ILE A 121 -12.46 -8.05 21.15
C ILE A 121 -13.21 -8.14 19.85
N GLY A 122 -14.53 -8.06 19.89
CA GLY A 122 -15.35 -8.14 18.67
C GLY A 122 -15.14 -9.49 17.97
N ALA A 123 -15.01 -10.52 18.77
CA ALA A 123 -14.75 -11.86 18.24
C ALA A 123 -16.01 -12.65 17.89
N SER A 124 -15.91 -13.42 16.81
CA SER A 124 -16.93 -14.39 16.42
C SER A 124 -16.24 -15.59 15.77
N PRO A 125 -16.66 -16.80 16.12
CA PRO A 125 -16.15 -17.99 15.44
C PRO A 125 -16.81 -18.26 14.10
N ARG A 126 -17.93 -17.61 13.83
CA ARG A 126 -18.71 -17.90 12.63
C ARG A 126 -19.74 -16.80 12.45
N PHE A 127 -19.61 -16.04 11.36
CA PHE A 127 -20.56 -14.97 11.04
C PHE A 127 -21.89 -15.50 10.51
N LEU A 128 -21.86 -16.59 9.76
CA LEU A 128 -23.06 -17.06 9.11
C LEU A 128 -23.97 -17.88 10.03
N ASN A 129 -25.27 -17.69 9.84
CA ASN A 129 -26.28 -18.46 10.53
C ASN A 129 -26.34 -19.87 9.97
N ASP A 130 -26.76 -20.81 10.81
CA ASP A 130 -27.28 -22.09 10.31
C ASP A 130 -28.36 -22.55 11.28
N GLU A 131 -28.83 -23.80 11.15
CA GLU A 131 -30.03 -24.25 11.83
C GLU A 131 -30.01 -24.04 13.35
N ASP A 132 -28.86 -24.33 13.99
CA ASP A 132 -28.76 -24.30 15.46
C ASP A 132 -27.86 -23.19 16.02
N TYR A 133 -27.53 -22.21 15.18
CA TYR A 133 -26.53 -21.19 15.54
C TYR A 133 -26.84 -19.85 14.87
N HIS A 134 -26.90 -18.80 15.69
CA HIS A 134 -27.04 -17.45 15.19
C HIS A 134 -25.67 -16.80 15.16
N GLY A 135 -25.18 -16.50 13.95
CA GLY A 135 -23.99 -15.68 13.75
C GLY A 135 -24.26 -14.19 13.49
N GLY A 136 -25.45 -13.89 12.96
CA GLY A 136 -25.81 -12.53 12.58
C GLY A 136 -25.99 -12.25 11.08
N PHE A 137 -25.56 -13.18 10.23
CA PHE A 137 -25.57 -12.98 8.78
C PHE A 137 -26.12 -14.18 8.03
N GLU A 138 -26.95 -13.91 7.02
CA GLU A 138 -27.44 -14.91 6.08
C GLU A 138 -26.55 -14.92 4.82
N GLN A 139 -26.34 -16.11 4.23
CA GLN A 139 -25.52 -16.26 3.01
C GLN A 139 -26.00 -15.33 1.87
N GLY A 140 -27.31 -15.28 1.66
CA GLY A 140 -27.92 -14.43 0.62
C GLY A 140 -27.63 -12.94 0.76
N GLU A 141 -27.83 -12.40 1.97
CA GLU A 141 -27.53 -10.99 2.23
C GLU A 141 -26.04 -10.68 2.04
N ILE A 142 -25.15 -11.61 2.43
CA ILE A 142 -23.71 -11.37 2.34
C ILE A 142 -23.21 -11.37 0.89
N GLU A 143 -23.80 -12.19 0.03
CA GLU A 143 -23.50 -12.12 -1.40
C GLU A 143 -23.90 -10.76 -1.99
N LYS A 144 -25.02 -10.20 -1.54
CA LYS A 144 -25.39 -8.83 -1.96
C LYS A 144 -24.36 -7.79 -1.52
N VAL A 145 -23.86 -7.94 -0.30
CA VAL A 145 -22.82 -7.04 0.20
C VAL A 145 -21.53 -7.17 -0.63
N PHE A 146 -21.10 -8.41 -0.94
CA PHE A 146 -19.88 -8.63 -1.73
C PHE A 146 -20.01 -8.03 -3.15
N SER A 147 -21.21 -8.10 -3.72
CA SER A 147 -21.49 -7.44 -5.01
C SER A 147 -21.35 -5.93 -4.94
N ALA A 148 -21.87 -5.34 -3.87
CA ALA A 148 -21.71 -3.91 -3.64
C ALA A 148 -20.24 -3.50 -3.47
N MET A 149 -19.48 -4.27 -2.72
N MET A 149 -19.47 -4.29 -2.71
CA MET A 149 -18.06 -3.98 -2.53
CA MET A 149 -18.03 -3.99 -2.52
C MET A 149 -17.30 -3.96 -3.86
C MET A 149 -17.29 -3.96 -3.86
N GLU A 150 -17.58 -4.93 -4.71
CA GLU A 150 -16.98 -4.99 -6.06
C GLU A 150 -17.41 -3.87 -6.98
N ALA A 151 -18.69 -3.53 -6.91
CA ALA A 151 -19.26 -2.54 -7.84
C ALA A 151 -18.70 -1.13 -7.59
N ASN A 152 -18.60 -0.76 -6.32
CA ASN A 152 -18.11 0.57 -5.93
C ASN A 152 -17.58 0.49 -4.50
N TYR A 153 -16.27 0.33 -4.39
CA TYR A 153 -15.63 0.12 -3.09
C TYR A 153 -15.79 1.33 -2.20
N GLU A 154 -15.60 2.51 -2.76
CA GLU A 154 -15.76 3.76 -2.01
C GLU A 154 -17.14 3.87 -1.37
N ALA A 155 -18.17 3.69 -2.19
CA ALA A 155 -19.53 3.75 -1.68
C ALA A 155 -19.79 2.67 -0.62
N TRP A 156 -19.28 1.46 -0.83
CA TRP A 156 -19.41 0.40 0.19
C TRP A 156 -18.75 0.85 1.52
N VAL A 157 -17.54 1.39 1.46
CA VAL A 157 -16.84 1.81 2.67
C VAL A 157 -17.68 2.84 3.44
N ASN A 158 -18.19 3.83 2.72
CA ASN A 158 -18.95 4.90 3.35
C ASN A 158 -20.29 4.44 3.95
N GLY A 159 -20.87 3.37 3.41
CA GLY A 159 -22.06 2.75 4.02
C GLY A 159 -21.74 1.82 5.19
N PHE A 160 -20.58 1.19 5.14
CA PHE A 160 -20.24 0.15 6.11
C PHE A 160 -19.61 0.74 7.37
N ALA A 161 -18.75 1.74 7.20
CA ALA A 161 -18.01 2.29 8.34
C ALA A 161 -18.90 2.77 9.52
N PRO A 162 -20.02 3.47 9.24
CA PRO A 162 -20.89 3.89 10.36
C PRO A 162 -21.55 2.72 11.07
N LEU A 163 -21.83 1.64 10.33
CA LEU A 163 -22.40 0.44 10.93
C LEU A 163 -21.39 -0.27 11.84
N ALA A 164 -20.16 -0.42 11.35
CA ALA A 164 -19.09 -1.04 12.13
C ALA A 164 -18.75 -0.27 13.42
N VAL A 165 -18.58 1.04 13.28
CA VAL A 165 -18.32 1.89 14.44
C VAL A 165 -19.51 1.88 15.38
N GLY A 166 -20.73 1.96 14.83
CA GLY A 166 -21.97 1.73 15.56
C GLY A 166 -22.47 2.95 16.32
N ALA A 167 -21.72 3.32 17.34
CA ALA A 167 -21.98 4.54 18.09
C ALA A 167 -21.79 5.75 17.19
N ASP A 168 -22.48 6.84 17.52
CA ASP A 168 -22.33 8.12 16.84
C ASP A 168 -21.04 8.81 17.30
N VAL A 169 -19.91 8.31 16.79
CA VAL A 169 -18.59 8.86 17.06
C VAL A 169 -17.96 9.20 15.68
N PRO A 170 -18.25 10.39 15.15
CA PRO A 170 -17.84 10.69 13.76
C PRO A 170 -16.34 10.59 13.53
N ALA A 171 -15.50 10.92 14.52
CA ALA A 171 -14.04 10.80 14.34
C ALA A 171 -13.63 9.38 14.04
N ALA A 172 -14.27 8.44 14.75
CA ALA A 172 -13.99 7.03 14.57
C ALA A 172 -14.50 6.51 13.25
N VAL A 173 -15.67 6.97 12.83
CA VAL A 173 -16.20 6.63 11.49
C VAL A 173 -15.22 7.07 10.40
N ARG A 174 -14.73 8.29 10.51
CA ARG A 174 -13.79 8.81 9.49
C ARG A 174 -12.47 8.05 9.54
N GLU A 175 -12.00 7.70 10.73
CA GLU A 175 -10.73 7.00 10.89
C GLU A 175 -10.81 5.57 10.37
N PHE A 176 -11.88 4.86 10.70
CA PHE A 176 -12.10 3.50 10.14
C PHE A 176 -12.26 3.53 8.62
N SER A 177 -12.99 4.53 8.11
CA SER A 177 -13.15 4.69 6.67
C SER A 177 -11.78 4.91 6.04
N ARG A 178 -10.94 5.72 6.69
CA ARG A 178 -9.61 5.99 6.14
C ARG A 178 -8.82 4.68 5.93
N THR A 179 -8.74 3.84 6.95
CA THR A 179 -7.90 2.65 6.85
C THR A 179 -8.52 1.56 6.00
N LEU A 180 -9.86 1.48 6.02
CA LEU A 180 -10.54 0.60 5.08
C LEU A 180 -10.34 1.00 3.65
N PHE A 181 -10.38 2.28 3.36
CA PHE A 181 -10.20 2.72 2.00
C PHE A 181 -8.76 2.65 1.56
N ASN A 182 -7.81 2.50 2.48
CA ASN A 182 -6.40 2.30 2.11
C ASN A 182 -6.14 0.86 1.68
N MET A 183 -6.98 -0.07 2.14
CA MET A 183 -6.88 -1.47 1.68
C MET A 183 -7.22 -1.57 0.22
N ARG A 184 -6.46 -2.38 -0.53
CA ARG A 184 -6.76 -2.50 -1.92
C ARG A 184 -8.05 -3.35 -2.06
N PRO A 185 -8.99 -2.91 -2.92
CA PRO A 185 -10.34 -3.49 -2.91
C PRO A 185 -10.42 -4.99 -3.13
N ASP A 186 -9.58 -5.53 -4.01
CA ASP A 186 -9.59 -6.98 -4.21
C ASP A 186 -9.09 -7.76 -2.98
N ILE A 187 -8.16 -7.16 -2.22
CA ILE A 187 -7.72 -7.76 -0.95
C ILE A 187 -8.86 -7.73 0.04
N THR A 188 -9.54 -6.59 0.18
CA THR A 188 -10.64 -6.50 1.15
C THR A 188 -11.73 -7.54 0.86
N LEU A 189 -12.10 -7.68 -0.40
CA LEU A 189 -13.14 -8.63 -0.77
C LEU A 189 -12.70 -10.07 -0.49
N PHE A 190 -11.46 -10.39 -0.83
CA PHE A 190 -10.92 -11.75 -0.69
C PHE A 190 -10.84 -12.11 0.82
N VAL A 191 -10.36 -11.17 1.63
CA VAL A 191 -10.26 -11.39 3.08
C VAL A 191 -11.65 -11.57 3.67
N SER A 192 -12.59 -10.72 3.23
CA SER A 192 -13.98 -10.84 3.71
C SER A 192 -14.57 -12.23 3.39
N ARG A 193 -14.39 -12.68 2.15
CA ARG A 193 -14.85 -14.01 1.75
C ARG A 193 -14.17 -15.08 2.58
N THR A 194 -12.87 -14.94 2.80
CA THR A 194 -12.11 -15.89 3.61
C THR A 194 -12.75 -16.09 4.96
N VAL A 195 -13.06 -14.99 5.63
CA VAL A 195 -13.55 -15.08 6.98
C VAL A 195 -15.03 -15.48 7.05
N PHE A 196 -15.87 -15.00 6.13
CA PHE A 196 -17.23 -15.51 6.06
C PHE A 196 -17.27 -17.00 5.75
N ASN A 197 -16.27 -17.49 5.02
CA ASN A 197 -16.17 -18.93 4.72
C ASN A 197 -15.62 -19.74 5.88
N SER A 198 -14.90 -19.10 6.79
N SER A 198 -14.90 -19.10 6.79
CA SER A 198 -14.32 -19.78 7.95
CA SER A 198 -14.33 -19.75 7.97
C SER A 198 -15.36 -20.14 9.01
C SER A 198 -15.37 -20.13 9.01
N ASP A 199 -15.05 -21.18 9.75
CA ASP A 199 -15.88 -21.64 10.85
C ASP A 199 -14.95 -22.20 11.92
N MET A 200 -14.80 -21.44 13.00
CA MET A 200 -13.92 -21.83 14.10
C MET A 200 -14.64 -22.57 15.22
N ARG A 201 -15.93 -22.83 15.07
CA ARG A 201 -16.68 -23.44 16.18
C ARG A 201 -16.10 -24.77 16.64
N GLY A 202 -15.65 -25.62 15.70
CA GLY A 202 -15.18 -26.95 16.04
C GLY A 202 -13.86 -27.01 16.81
N VAL A 203 -13.08 -25.94 16.78
CA VAL A 203 -11.78 -25.91 17.45
C VAL A 203 -11.77 -25.19 18.80
N LEU A 204 -12.88 -24.55 19.16
CA LEU A 204 -12.89 -23.70 20.36
C LEU A 204 -12.52 -24.47 21.60
N GLY A 205 -13.01 -25.71 21.70
CA GLY A 205 -12.74 -26.55 22.85
C GLY A 205 -11.30 -26.99 23.02
N LEU A 206 -10.50 -26.85 21.98
CA LEU A 206 -9.11 -27.19 22.01
C LEU A 206 -8.26 -26.18 22.73
N VAL A 207 -8.76 -24.95 22.87
CA VAL A 207 -8.05 -23.88 23.55
C VAL A 207 -7.98 -24.20 25.02
N LYS A 208 -6.81 -24.02 25.63
CA LYS A 208 -6.67 -24.25 27.07
C LYS A 208 -6.22 -23.05 27.90
N VAL A 209 -5.84 -21.96 27.25
CA VAL A 209 -5.44 -20.76 27.97
C VAL A 209 -6.70 -19.98 28.34
N PRO A 210 -6.60 -19.14 29.37
CA PRO A 210 -7.77 -18.33 29.74
C PRO A 210 -8.11 -17.28 28.68
N CYS A 211 -9.40 -17.12 28.41
CA CYS A 211 -9.87 -16.13 27.43
C CYS A 211 -10.78 -15.10 28.11
N HIS A 212 -10.50 -13.82 27.86
CA HIS A 212 -11.35 -12.71 28.24
C HIS A 212 -12.07 -12.26 26.99
N ILE A 213 -13.39 -12.38 27.00
CA ILE A 213 -14.22 -12.09 25.85
C ILE A 213 -14.82 -10.71 26.05
N PHE A 214 -14.30 -9.72 25.32
CA PHE A 214 -14.77 -8.34 25.42
C PHE A 214 -15.88 -8.15 24.39
N GLN A 215 -17.09 -7.91 24.88
CA GLN A 215 -18.26 -7.79 24.05
C GLN A 215 -18.89 -6.43 24.24
N THR A 216 -18.98 -5.66 23.17
CA THR A 216 -19.60 -4.34 23.21
C THR A 216 -21.10 -4.49 23.00
N ALA A 217 -21.84 -3.40 23.17
CA ALA A 217 -23.27 -3.38 22.91
C ALA A 217 -23.49 -3.08 21.43
N ARG A 218 -24.52 -3.69 20.84
CA ARG A 218 -24.91 -3.47 19.45
C ARG A 218 -23.72 -3.52 18.51
N ASP A 219 -22.99 -4.61 18.58
CA ASP A 219 -21.85 -4.84 17.71
C ASP A 219 -22.42 -5.41 16.40
N HIS A 220 -22.26 -4.64 15.32
CA HIS A 220 -22.78 -5.01 13.97
C HIS A 220 -22.34 -6.42 13.50
N SER A 221 -21.13 -6.82 13.89
CA SER A 221 -20.53 -8.10 13.48
C SER A 221 -20.76 -9.26 14.44
N VAL A 222 -21.22 -8.96 15.66
CA VAL A 222 -21.19 -9.93 16.76
C VAL A 222 -22.43 -9.80 17.63
N PRO A 223 -23.44 -10.66 17.42
CA PRO A 223 -24.57 -10.71 18.35
C PRO A 223 -24.11 -11.07 19.75
N ALA A 224 -24.80 -10.52 20.76
CA ALA A 224 -24.52 -10.86 22.16
C ALA A 224 -24.44 -12.35 22.41
N SER A 225 -25.34 -13.11 21.77
CA SER A 225 -25.35 -14.56 21.91
C SER A 225 -24.04 -15.23 21.48
N VAL A 226 -23.31 -14.62 20.53
CA VAL A 226 -22.00 -15.15 20.11
C VAL A 226 -20.94 -15.05 21.24
N ALA A 227 -20.96 -13.95 22.00
CA ALA A 227 -20.05 -13.85 23.12
C ALA A 227 -20.29 -14.98 24.15
N THR A 228 -21.57 -15.23 24.42
CA THR A 228 -21.99 -16.30 25.30
C THR A 228 -21.58 -17.66 24.74
N TYR A 229 -21.69 -17.79 23.41
CA TYR A 229 -21.26 -19.03 22.72
C TYR A 229 -19.76 -19.24 22.97
N LEU A 230 -18.96 -18.20 22.80
CA LEU A 230 -17.52 -18.28 23.07
C LEU A 230 -17.25 -18.69 24.51
N LYS A 231 -17.96 -18.05 25.44
CA LYS A 231 -17.85 -18.40 26.88
C LYS A 231 -18.12 -19.87 27.17
N ASN A 232 -19.13 -20.43 26.52
CA ASN A 232 -19.51 -21.83 26.73
C ASN A 232 -18.61 -22.82 26.02
N HIS A 233 -17.98 -22.44 24.90
CA HIS A 233 -17.27 -23.44 24.06
C HIS A 233 -15.74 -23.36 24.08
N LEU A 234 -15.17 -22.19 24.37
CA LEU A 234 -13.72 -22.09 24.50
C LEU A 234 -13.25 -22.99 25.68
N GLY A 235 -12.22 -23.80 25.45
CA GLY A 235 -11.86 -24.88 26.34
C GLY A 235 -11.24 -24.54 27.67
N GLY A 236 -10.72 -23.32 27.83
CA GLY A 236 -10.10 -22.88 29.07
C GLY A 236 -11.07 -22.12 29.98
N LYS A 237 -10.51 -21.35 30.91
CA LYS A 237 -11.30 -20.53 31.82
C LYS A 237 -11.65 -19.22 31.11
N ASN A 238 -12.95 -18.96 30.96
CA ASN A 238 -13.46 -17.83 30.19
C ASN A 238 -14.18 -16.84 31.05
N THR A 239 -14.00 -15.56 30.71
CA THR A 239 -14.65 -14.43 31.42
C THR A 239 -15.21 -13.51 30.37
N VAL A 240 -16.50 -13.21 30.40
CA VAL A 240 -17.07 -12.23 29.45
C VAL A 240 -17.06 -10.87 30.14
N HIS A 241 -16.60 -9.86 29.41
CA HIS A 241 -16.67 -8.47 29.85
C HIS A 241 -17.69 -7.80 28.93
N TRP A 242 -18.85 -7.48 29.51
CA TRP A 242 -19.88 -6.73 28.81
C TRP A 242 -19.54 -5.24 28.94
N LEU A 243 -18.86 -4.73 27.94
CA LEU A 243 -18.33 -3.35 28.01
C LEU A 243 -19.45 -2.36 27.94
N ASN A 244 -19.30 -1.24 28.66
CA ASN A 244 -20.22 -0.14 28.52
C ASN A 244 -19.80 0.76 27.34
N ILE A 245 -19.75 0.15 26.16
CA ILE A 245 -19.26 0.79 24.94
C ILE A 245 -20.10 0.20 23.82
N GLU A 246 -20.58 1.04 22.89
CA GLU A 246 -21.33 0.58 21.74
C GLU A 246 -20.45 0.45 20.51
N GLY A 247 -20.58 -0.65 19.77
CA GLY A 247 -19.96 -0.78 18.44
C GLY A 247 -18.83 -1.76 18.33
N HIS A 248 -18.41 -2.03 17.10
CA HIS A 248 -17.48 -3.13 16.82
C HIS A 248 -16.02 -2.73 17.00
N LEU A 249 -15.75 -1.41 17.10
CA LEU A 249 -14.39 -0.94 17.16
C LEU A 249 -14.11 -0.06 18.39
N PRO A 250 -14.23 -0.65 19.60
CA PRO A 250 -14.14 0.17 20.82
C PRO A 250 -12.77 0.87 21.04
N HIS A 251 -11.70 0.26 20.51
CA HIS A 251 -10.38 0.89 20.49
C HIS A 251 -10.31 2.18 19.69
N LEU A 252 -11.15 2.33 18.68
CA LEU A 252 -11.25 3.54 17.94
C LEU A 252 -12.20 4.56 18.57
N SER A 253 -13.32 4.05 19.11
CA SER A 253 -14.43 4.90 19.55
C SER A 253 -14.42 5.29 21.02
N ALA A 254 -13.90 4.43 21.88
CA ALA A 254 -13.88 4.65 23.32
C ALA A 254 -12.56 4.13 23.89
N PRO A 255 -11.43 4.67 23.40
CA PRO A 255 -10.16 4.11 23.82
C PRO A 255 -9.81 4.25 25.30
N THR A 256 -10.10 5.38 25.92
CA THR A 256 -9.81 5.54 27.35
C THR A 256 -10.55 4.47 28.16
N LEU A 257 -11.84 4.26 27.91
CA LEU A 257 -12.60 3.27 28.68
C LEU A 257 -12.07 1.87 28.34
N LEU A 258 -11.83 1.60 27.06
CA LEU A 258 -11.33 0.27 26.65
C LEU A 258 -9.99 -0.08 27.30
N ALA A 259 -9.07 0.89 27.27
CA ALA A 259 -7.77 0.74 27.93
C ALA A 259 -7.91 0.31 29.38
N GLN A 260 -8.83 0.95 30.14
CA GLN A 260 -9.00 0.58 31.55
C GLN A 260 -9.46 -0.86 31.74
N GLU A 261 -10.42 -1.28 30.92
CA GLU A 261 -10.93 -2.67 30.97
C GLU A 261 -9.86 -3.69 30.57
N LEU A 262 -9.03 -3.34 29.58
CA LEU A 262 -7.90 -4.21 29.19
C LEU A 262 -6.94 -4.35 30.36
N ARG A 263 -6.63 -3.24 31.02
CA ARG A 263 -5.75 -3.30 32.18
C ARG A 263 -6.30 -4.24 33.26
N ARG A 264 -7.61 -4.15 33.52
CA ARG A 264 -8.24 -5.00 34.53
C ARG A 264 -8.15 -6.49 34.15
N ALA A 265 -8.47 -6.78 32.89
CA ALA A 265 -8.42 -8.17 32.40
C ALA A 265 -7.00 -8.72 32.47
N LEU A 266 -6.00 -7.91 32.13
CA LEU A 266 -4.61 -8.34 32.16
C LEU A 266 -4.10 -8.61 33.59
N SER A 267 -4.62 -7.87 34.57
CA SER A 267 -4.27 -8.06 35.98
C SER A 267 -4.93 -9.29 36.63
N HIS A 268 -6.05 -9.75 36.07
CA HIS A 268 -6.88 -10.83 36.61
C HIS A 268 -6.13 -12.17 36.59
N GLN B 5 16.45 7.65 6.15
CA GLN B 5 16.27 6.21 6.60
C GLN B 5 14.81 5.79 6.82
N THR B 6 14.05 6.57 7.59
CA THR B 6 12.59 6.41 7.61
C THR B 6 12.07 6.65 6.17
N LEU B 7 12.59 7.68 5.50
CA LEU B 7 12.30 7.88 4.06
C LEU B 7 12.78 6.71 3.17
N LEU B 8 14.02 6.24 3.37
CA LEU B 8 14.54 5.08 2.63
C LEU B 8 13.59 3.89 2.78
N ASP B 9 13.12 3.63 4.00
CA ASP B 9 12.15 2.54 4.23
C ASP B 9 10.80 2.88 3.58
N ALA B 10 10.32 4.12 3.73
CA ALA B 10 8.98 4.48 3.24
C ALA B 10 8.83 4.30 1.72
N LEU B 11 9.89 4.63 1.00
CA LEU B 11 9.87 4.65 -0.46
C LEU B 11 10.60 3.42 -1.04
N ASN B 12 10.79 2.41 -0.20
CA ASN B 12 11.27 1.10 -0.65
C ASN B 12 12.57 1.23 -1.45
N VAL B 13 13.51 2.02 -0.93
CA VAL B 13 14.78 2.20 -1.59
C VAL B 13 15.58 0.90 -1.60
N ARG B 14 16.16 0.58 -2.75
CA ARG B 14 16.88 -0.67 -2.94
C ARG B 14 18.14 -0.35 -3.71
N VAL B 15 19.27 -0.87 -3.24
CA VAL B 15 20.54 -0.72 -3.96
C VAL B 15 21.04 -2.13 -4.25
N VAL B 16 21.31 -2.39 -5.54
CA VAL B 16 21.75 -3.69 -5.99
C VAL B 16 22.85 -3.54 -7.05
N GLY B 17 23.51 -4.63 -7.39
CA GLY B 17 24.55 -4.60 -8.41
C GLY B 17 25.95 -4.63 -7.86
N SER B 18 26.88 -5.04 -8.72
CA SER B 18 28.28 -5.28 -8.35
C SER B 18 29.22 -4.17 -8.79
N GLY B 19 28.71 -3.22 -9.59
CA GLY B 19 29.55 -2.18 -10.15
C GLY B 19 29.78 -1.04 -9.18
N GLU B 20 30.45 -0.01 -9.68
CA GLU B 20 30.79 1.20 -8.89
C GLU B 20 30.05 2.46 -9.36
N ARG B 21 29.89 2.62 -10.68
CA ARG B 21 29.14 3.72 -11.25
C ARG B 21 27.67 3.63 -10.82
N VAL B 22 27.15 4.72 -10.28
CA VAL B 22 25.79 4.71 -9.79
C VAL B 22 24.79 4.99 -10.92
N LEU B 23 23.77 4.15 -10.97
CA LEU B 23 22.71 4.27 -11.95
C LEU B 23 21.38 4.29 -11.19
N VAL B 24 20.65 5.41 -11.28
CA VAL B 24 19.37 5.53 -10.63
C VAL B 24 18.29 5.21 -11.66
N LEU B 25 17.40 4.29 -11.31
CA LEU B 25 16.25 3.93 -12.14
C LEU B 25 14.98 4.39 -11.43
N ALA B 26 14.38 5.45 -11.97
CA ALA B 26 13.22 6.08 -11.37
C ALA B 26 11.98 5.85 -12.23
N HIS B 27 11.05 5.06 -11.70
CA HIS B 27 9.81 4.75 -12.40
C HIS B 27 8.88 5.95 -12.48
N GLY B 28 7.88 5.85 -13.36
CA GLY B 28 6.91 6.94 -13.52
C GLY B 28 5.50 6.51 -13.22
N PHE B 29 4.57 7.17 -13.88
CA PHE B 29 3.17 7.11 -13.48
C PHE B 29 2.60 5.70 -13.68
N GLY B 30 1.90 5.24 -12.65
CA GLY B 30 1.09 4.04 -12.76
C GLY B 30 1.85 2.75 -12.45
N THR B 31 3.16 2.84 -12.20
CA THR B 31 4.01 1.70 -11.90
C THR B 31 4.67 1.90 -10.58
N ASP B 32 5.51 0.95 -10.22
CA ASP B 32 6.47 1.10 -9.12
C ASP B 32 7.83 0.67 -9.63
N GLN B 33 8.79 0.46 -8.75
CA GLN B 33 10.16 0.15 -9.19
C GLN B 33 10.24 -1.22 -9.89
N SER B 34 9.25 -2.11 -9.66
CA SER B 34 9.22 -3.43 -10.32
C SER B 34 9.11 -3.32 -11.85
N ALA B 35 8.69 -2.16 -12.36
CA ALA B 35 8.70 -1.89 -13.80
C ALA B 35 10.08 -2.06 -14.39
N TRP B 36 11.13 -1.93 -13.57
CA TRP B 36 12.51 -2.12 -14.02
C TRP B 36 13.04 -3.55 -13.94
N ASN B 37 12.23 -4.47 -13.45
CA ASN B 37 12.67 -5.85 -13.19
C ASN B 37 13.34 -6.54 -14.37
N ARG B 38 12.81 -6.38 -15.57
N ARG B 38 12.82 -6.36 -15.57
CA ARG B 38 13.37 -7.08 -16.73
CA ARG B 38 13.37 -7.03 -16.75
C ARG B 38 14.55 -6.36 -17.41
C ARG B 38 14.62 -6.37 -17.34
N ILE B 39 14.75 -5.08 -17.10
CA ILE B 39 15.94 -4.27 -17.49
C ILE B 39 17.12 -4.59 -16.59
N LEU B 40 16.81 -4.80 -15.32
CA LEU B 40 17.82 -4.87 -14.26
C LEU B 40 18.99 -5.85 -14.49
N PRO B 41 18.73 -7.08 -15.01
CA PRO B 41 19.84 -8.02 -15.19
C PRO B 41 20.95 -7.49 -16.10
N PHE B 42 20.59 -6.64 -17.06
CA PHE B 42 21.56 -6.07 -18.00
C PHE B 42 22.52 -5.04 -17.38
N PHE B 43 22.26 -4.60 -16.14
CA PHE B 43 23.08 -3.59 -15.43
C PHE B 43 23.76 -4.02 -14.14
N LEU B 44 23.43 -5.21 -13.63
CA LEU B 44 23.97 -5.66 -12.32
C LEU B 44 25.47 -5.85 -12.30
N ARG B 45 26.06 -6.30 -13.41
CA ARG B 45 27.50 -6.60 -13.42
C ARG B 45 28.39 -5.34 -13.33
N ASP B 46 27.93 -4.25 -13.95
CA ASP B 46 28.75 -3.04 -14.18
C ASP B 46 28.27 -1.80 -13.47
N TYR B 47 27.14 -1.84 -12.80
CA TYR B 47 26.59 -0.65 -12.15
C TYR B 47 26.20 -0.93 -10.72
N ARG B 48 26.09 0.15 -9.92
CA ARG B 48 25.48 0.11 -8.60
C ARG B 48 24.13 0.77 -8.83
N VAL B 49 23.07 -0.03 -8.81
CA VAL B 49 21.75 0.40 -9.25
C VAL B 49 20.91 0.77 -8.04
N VAL B 50 20.36 1.98 -8.11
CA VAL B 50 19.52 2.52 -7.06
C VAL B 50 18.12 2.62 -7.60
N LEU B 51 17.20 1.98 -6.89
CA LEU B 51 15.79 1.99 -7.21
C LEU B 51 15.01 2.53 -6.02
N TYR B 52 13.89 3.18 -6.32
CA TYR B 52 12.94 3.61 -5.29
C TYR B 52 11.55 3.72 -5.87
N ASP B 53 10.57 3.75 -4.96
CA ASP B 53 9.20 4.01 -5.34
C ASP B 53 8.85 5.49 -5.09
N LEU B 54 8.30 6.16 -6.10
CA LEU B 54 7.60 7.43 -5.87
C LEU B 54 6.54 7.28 -4.79
N VAL B 55 6.31 8.37 -4.04
CA VAL B 55 5.35 8.31 -2.94
C VAL B 55 3.93 7.88 -3.40
N CYS B 56 3.60 8.14 -4.67
CA CYS B 56 2.28 7.77 -5.20
C CYS B 56 2.20 6.34 -5.73
N ALA B 57 3.30 5.59 -5.69
CA ALA B 57 3.26 4.20 -6.13
C ALA B 57 2.31 3.36 -5.26
N GLY B 58 1.66 2.37 -5.92
CA GLY B 58 0.74 1.47 -5.22
C GLY B 58 1.38 0.57 -4.19
N SER B 59 2.69 0.43 -4.27
CA SER B 59 3.51 -0.36 -3.30
C SER B 59 3.98 0.42 -2.06
N VAL B 60 3.64 1.70 -1.98
CA VAL B 60 3.97 2.56 -0.85
C VAL B 60 2.71 2.65 0.01
N ASN B 61 2.91 2.74 1.32
CA ASN B 61 1.80 3.00 2.24
C ASN B 61 1.10 4.32 1.85
N PRO B 62 -0.20 4.28 1.48
CA PRO B 62 -0.92 5.49 1.09
C PRO B 62 -0.95 6.59 2.17
N ASP B 63 -0.69 6.22 3.42
CA ASP B 63 -0.58 7.20 4.53
C ASP B 63 0.49 8.24 4.26
N PHE B 64 1.55 7.84 3.53
CA PHE B 64 2.64 8.74 3.23
C PHE B 64 2.29 9.77 2.14
N PHE B 65 1.19 9.57 1.42
CA PHE B 65 0.77 10.50 0.37
C PHE B 65 -0.04 11.67 0.96
N ASP B 66 0.69 12.70 1.35
CA ASP B 66 0.14 13.86 2.05
C ASP B 66 -0.31 14.85 1.00
N PHE B 67 -1.63 15.00 0.83
CA PHE B 67 -2.17 15.90 -0.21
C PHE B 67 -1.84 17.37 0.06
N ARG B 68 -1.57 17.71 1.32
CA ARG B 68 -1.18 19.07 1.70
C ARG B 68 0.28 19.37 1.32
N ARG B 69 1.08 18.32 1.16
CA ARG B 69 2.48 18.46 0.78
C ARG B 69 2.73 18.29 -0.73
N TYR B 70 2.24 17.21 -1.34
CA TYR B 70 2.61 16.86 -2.72
C TYR B 70 1.75 17.59 -3.77
N THR B 71 1.85 18.91 -3.79
CA THR B 71 0.95 19.73 -4.60
C THR B 71 1.58 20.17 -5.94
N THR B 72 2.91 20.02 -6.06
CA THR B 72 3.65 20.29 -7.30
C THR B 72 4.76 19.22 -7.40
N LEU B 73 5.59 19.32 -8.41
CA LEU B 73 6.70 18.34 -8.52
C LEU B 73 7.80 18.58 -7.48
N ASP B 74 7.90 19.79 -6.94
CA ASP B 74 9.02 20.09 -6.03
C ASP B 74 9.21 19.14 -4.84
N PRO B 75 8.14 18.77 -4.11
CA PRO B 75 8.33 17.83 -3.02
C PRO B 75 8.75 16.43 -3.45
N TYR B 76 8.43 16.04 -4.69
CA TYR B 76 8.94 14.78 -5.26
C TYR B 76 10.45 14.89 -5.47
N VAL B 77 10.89 16.07 -5.97
CA VAL B 77 12.32 16.36 -6.10
C VAL B 77 13.02 16.27 -4.74
N ASP B 78 12.42 16.86 -3.70
CA ASP B 78 12.95 16.79 -2.33
C ASP B 78 13.18 15.34 -1.93
N ASP B 79 12.19 14.48 -2.19
CA ASP B 79 12.30 13.03 -1.85
C ASP B 79 13.50 12.37 -2.56
N LEU B 80 13.62 12.63 -3.85
CA LEU B 80 14.73 12.08 -4.64
C LEU B 80 16.08 12.51 -4.08
N LEU B 81 16.22 13.80 -3.85
CA LEU B 81 17.49 14.34 -3.35
C LEU B 81 17.83 13.88 -1.96
N HIS B 82 16.82 13.75 -1.09
CA HIS B 82 17.03 13.20 0.24
C HIS B 82 17.52 11.74 0.21
N ILE B 83 16.94 10.94 -0.68
CA ILE B 83 17.39 9.57 -0.92
C ILE B 83 18.86 9.50 -1.37
N LEU B 84 19.22 10.25 -2.39
CA LEU B 84 20.58 10.26 -2.90
C LEU B 84 21.59 10.76 -1.86
N ASP B 85 21.24 11.85 -1.14
CA ASP B 85 22.04 12.32 -0.01
C ASP B 85 22.22 11.25 1.08
N ALA B 86 21.13 10.61 1.48
CA ALA B 86 21.18 9.61 2.54
C ALA B 86 22.04 8.41 2.14
N LEU B 87 22.05 8.06 0.85
CA LEU B 87 22.90 6.99 0.33
C LEU B 87 24.35 7.40 0.06
N GLY B 88 24.65 8.69 0.23
CA GLY B 88 25.99 9.21 0.07
C GLY B 88 26.43 9.24 -1.37
N ILE B 89 25.48 9.46 -2.28
CA ILE B 89 25.77 9.51 -3.69
C ILE B 89 26.14 10.93 -4.05
N ASP B 90 27.37 11.11 -4.56
CA ASP B 90 27.97 12.37 -5.06
C ASP B 90 27.63 12.62 -6.52
N GLN B 91 27.66 11.54 -7.30
CA GLN B 91 27.36 11.66 -8.71
C GLN B 91 26.75 10.37 -9.24
N CYS B 92 25.82 10.51 -10.18
CA CYS B 92 25.15 9.33 -10.79
C CYS B 92 24.65 9.65 -12.18
N ALA B 93 24.34 8.59 -12.91
CA ALA B 93 23.52 8.68 -14.12
C ALA B 93 22.10 8.36 -13.70
N TYR B 94 21.13 9.05 -14.27
CA TYR B 94 19.73 8.97 -13.77
C TYR B 94 18.84 8.68 -14.94
N VAL B 95 18.00 7.66 -14.79
CA VAL B 95 16.99 7.28 -15.77
C VAL B 95 15.64 7.54 -15.19
N GLY B 96 14.87 8.41 -15.84
CA GLY B 96 13.53 8.74 -15.36
C GLY B 96 12.49 8.46 -16.40
N HIS B 97 11.54 7.61 -16.06
CA HIS B 97 10.38 7.36 -16.89
C HIS B 97 9.25 8.35 -16.56
N SER B 98 8.60 8.86 -17.60
CA SER B 98 7.35 9.62 -17.46
C SER B 98 7.61 10.77 -16.50
N VAL B 99 6.84 10.89 -15.41
CA VAL B 99 6.99 12.06 -14.51
C VAL B 99 8.38 12.14 -13.87
N SER B 100 9.02 10.99 -13.69
CA SER B 100 10.36 10.96 -13.12
C SER B 100 11.40 11.61 -14.03
N ALA B 101 11.11 11.77 -15.31
CA ALA B 101 12.01 12.52 -16.18
C ALA B 101 12.01 14.00 -15.75
N MET B 102 10.83 14.56 -15.49
CA MET B 102 10.71 15.97 -15.06
C MET B 102 11.27 16.15 -13.66
N ILE B 103 11.04 15.18 -12.78
CA ILE B 103 11.63 15.23 -11.45
C ILE B 103 13.16 15.29 -11.56
N GLY B 104 13.74 14.48 -12.45
CA GLY B 104 15.18 14.48 -12.66
C GLY B 104 15.73 15.81 -13.19
N ILE B 105 15.01 16.39 -14.14
CA ILE B 105 15.36 17.69 -14.68
C ILE B 105 15.38 18.72 -13.56
N LEU B 106 14.33 18.78 -12.75
CA LEU B 106 14.29 19.77 -11.69
C LEU B 106 15.40 19.51 -10.65
N ALA B 107 15.64 18.22 -10.36
CA ALA B 107 16.71 17.82 -9.45
C ALA B 107 18.07 18.29 -9.95
N SER B 108 18.30 18.19 -11.26
N SER B 108 18.30 18.19 -11.26
CA SER B 108 19.57 18.62 -11.86
CA SER B 108 19.57 18.63 -11.86
C SER B 108 19.76 20.14 -11.78
C SER B 108 19.76 20.13 -11.75
N ILE B 109 18.67 20.89 -11.89
CA ILE B 109 18.73 22.35 -11.72
C ILE B 109 19.12 22.73 -10.28
N ARG B 110 18.56 21.99 -9.33
CA ARG B 110 18.92 22.18 -7.92
C ARG B 110 20.34 21.74 -7.59
N ARG B 111 20.76 20.64 -8.20
N ARG B 111 20.75 20.62 -8.20
CA ARG B 111 22.04 20.02 -7.89
CA ARG B 111 22.05 19.99 -7.94
C ARG B 111 22.77 19.70 -9.19
C ARG B 111 22.77 19.71 -9.24
N PRO B 112 23.30 20.74 -9.87
CA PRO B 112 23.94 20.56 -11.21
C PRO B 112 25.14 19.60 -11.28
N GLU B 113 25.82 19.34 -10.15
CA GLU B 113 26.97 18.41 -10.11
C GLU B 113 26.58 16.95 -9.81
N LEU B 114 25.33 16.72 -9.38
CA LEU B 114 24.90 15.38 -8.93
C LEU B 114 24.68 14.39 -10.09
N PHE B 115 24.33 14.89 -11.28
CA PHE B 115 24.02 14.03 -12.41
C PHE B 115 25.04 14.19 -13.53
N SER B 116 25.66 13.08 -13.94
CA SER B 116 26.55 13.10 -15.08
C SER B 116 25.75 13.11 -16.38
N LYS B 117 24.54 12.55 -16.34
CA LYS B 117 23.74 12.31 -17.54
C LYS B 117 22.31 12.07 -17.07
N LEU B 118 21.33 12.59 -17.82
CA LEU B 118 19.93 12.21 -17.63
C LEU B 118 19.48 11.43 -18.82
N ILE B 119 18.81 10.31 -18.56
CA ILE B 119 18.12 9.57 -19.59
C ILE B 119 16.64 9.67 -19.32
N LEU B 120 15.93 10.21 -20.30
CA LEU B 120 14.52 10.53 -20.17
C LEU B 120 13.75 9.55 -21.04
N ILE B 121 12.75 8.87 -20.46
CA ILE B 121 11.95 7.91 -21.20
C ILE B 121 10.49 8.28 -21.10
N GLY B 122 9.82 8.47 -22.25
CA GLY B 122 8.42 8.87 -22.23
C GLY B 122 8.22 10.22 -21.53
N ALA B 123 9.15 11.14 -21.75
CA ALA B 123 9.14 12.44 -21.13
C ALA B 123 8.36 13.49 -21.92
N SER B 124 7.64 14.35 -21.17
CA SER B 124 7.01 15.54 -21.73
C SER B 124 7.08 16.66 -20.72
N PRO B 125 7.40 17.90 -21.17
CA PRO B 125 7.37 19.04 -20.25
C PRO B 125 5.99 19.62 -20.09
N ARG B 126 5.05 19.19 -20.94
CA ARG B 126 3.74 19.77 -20.95
C ARG B 126 2.81 18.90 -21.78
N PHE B 127 1.81 18.30 -21.12
CA PHE B 127 0.82 17.47 -21.83
C PHE B 127 -0.19 18.29 -22.62
N LEU B 128 -0.57 19.46 -22.12
CA LEU B 128 -1.65 20.21 -22.75
C LEU B 128 -1.16 21.02 -23.97
N ASN B 129 -2.03 21.07 -24.98
CA ASN B 129 -1.84 21.89 -26.14
C ASN B 129 -2.01 23.35 -25.82
N ASP B 130 -1.34 24.19 -26.59
CA ASP B 130 -1.73 25.60 -26.71
C ASP B 130 -1.40 26.04 -28.15
N GLU B 131 -1.48 27.34 -28.46
CA GLU B 131 -1.49 27.77 -29.87
C GLU B 131 -0.28 27.31 -30.69
N ASP B 132 0.93 27.33 -30.09
CA ASP B 132 2.17 26.99 -30.83
C ASP B 132 2.86 25.67 -30.37
N TYR B 133 2.14 24.87 -29.62
CA TYR B 133 2.74 23.71 -28.96
C TYR B 133 1.72 22.58 -28.92
N HIS B 134 2.08 21.42 -29.52
CA HIS B 134 1.25 20.22 -29.48
C HIS B 134 1.77 19.31 -28.38
N GLY B 135 1.07 19.24 -27.24
CA GLY B 135 1.40 18.33 -26.15
C GLY B 135 0.70 16.98 -26.26
N GLY B 136 -0.40 16.94 -27.00
CA GLY B 136 -1.17 15.74 -27.21
C GLY B 136 -2.54 15.71 -26.59
N PHE B 137 -2.84 16.69 -25.73
CA PHE B 137 -4.10 16.70 -24.98
C PHE B 137 -4.74 18.09 -24.97
N GLU B 138 -6.06 18.11 -25.16
CA GLU B 138 -6.88 19.30 -24.96
C GLU B 138 -7.44 19.34 -23.52
N GLN B 139 -7.56 20.52 -22.95
CA GLN B 139 -8.11 20.72 -21.59
C GLN B 139 -9.48 20.05 -21.45
N GLY B 140 -10.36 20.27 -22.41
CA GLY B 140 -11.72 19.73 -22.41
C GLY B 140 -11.77 18.20 -22.35
N GLU B 141 -10.98 17.53 -23.20
CA GLU B 141 -10.93 16.07 -23.20
C GLU B 141 -10.37 15.52 -21.88
N ILE B 142 -9.38 16.20 -21.29
CA ILE B 142 -8.76 15.74 -20.06
C ILE B 142 -9.70 15.86 -18.85
N GLU B 143 -10.53 16.90 -18.82
CA GLU B 143 -11.57 16.97 -17.81
C GLU B 143 -12.57 15.83 -17.91
N LYS B 144 -12.90 15.43 -19.15
CA LYS B 144 -13.74 14.23 -19.38
C LYS B 144 -13.06 12.97 -18.84
N VAL B 145 -11.76 12.84 -19.06
CA VAL B 145 -10.99 11.71 -18.52
C VAL B 145 -10.99 11.69 -16.99
N PHE B 146 -10.75 12.84 -16.37
CA PHE B 146 -10.72 12.93 -14.91
C PHE B 146 -12.08 12.58 -14.29
N SER B 147 -13.16 12.98 -14.96
CA SER B 147 -14.51 12.60 -14.55
C SER B 147 -14.72 11.09 -14.60
N ALA B 148 -14.25 10.47 -15.68
CA ALA B 148 -14.29 9.02 -15.83
C ALA B 148 -13.48 8.31 -14.75
N MET B 149 -12.29 8.80 -14.45
N MET B 149 -12.27 8.81 -14.47
CA MET B 149 -11.46 8.18 -13.41
CA MET B 149 -11.40 8.27 -13.40
C MET B 149 -12.16 8.20 -12.04
C MET B 149 -12.12 8.22 -12.04
N GLU B 150 -12.77 9.33 -11.71
CA GLU B 150 -13.54 9.47 -10.46
C GLU B 150 -14.84 8.66 -10.44
N ALA B 151 -15.52 8.55 -11.57
CA ALA B 151 -16.80 7.82 -11.64
C ALA B 151 -16.63 6.30 -11.51
N ASN B 152 -15.63 5.75 -12.18
CA ASN B 152 -15.37 4.31 -12.16
C ASN B 152 -13.90 4.08 -12.46
N TYR B 153 -13.11 3.94 -11.40
CA TYR B 153 -11.66 3.79 -11.52
C TYR B 153 -11.29 2.54 -12.31
N GLU B 154 -11.96 1.44 -11.99
CA GLU B 154 -11.70 0.18 -12.66
C GLU B 154 -11.86 0.30 -14.17
N ALA B 155 -12.98 0.85 -14.60
CA ALA B 155 -13.27 1.01 -16.01
C ALA B 155 -12.25 1.93 -16.65
N TRP B 156 -11.87 2.99 -15.95
CA TRP B 156 -10.82 3.88 -16.46
C TRP B 156 -9.49 3.13 -16.66
N VAL B 157 -9.05 2.37 -15.67
CA VAL B 157 -7.80 1.62 -15.77
C VAL B 157 -7.86 0.69 -17.00
N ASN B 158 -8.95 -0.04 -17.14
CA ASN B 158 -9.06 -1.03 -18.23
C ASN B 158 -9.11 -0.38 -19.62
N GLY B 159 -9.59 0.87 -19.70
CA GLY B 159 -9.53 1.64 -20.94
C GLY B 159 -8.18 2.27 -21.20
N PHE B 160 -7.49 2.66 -20.13
CA PHE B 160 -6.29 3.43 -20.26
C PHE B 160 -5.03 2.56 -20.44
N ALA B 161 -4.97 1.45 -19.72
CA ALA B 161 -3.78 0.60 -19.76
C ALA B 161 -3.38 0.16 -21.20
N PRO B 162 -4.35 -0.27 -22.05
CA PRO B 162 -3.95 -0.65 -23.43
C PRO B 162 -3.46 0.51 -24.28
N LEU B 163 -3.97 1.71 -24.03
CA LEU B 163 -3.50 2.91 -24.70
C LEU B 163 -2.06 3.25 -24.27
N ALA B 164 -1.79 3.20 -22.98
CA ALA B 164 -0.46 3.50 -22.44
C ALA B 164 0.59 2.51 -22.95
N VAL B 165 0.28 1.22 -22.86
CA VAL B 165 1.17 0.19 -23.36
C VAL B 165 1.33 0.32 -24.86
N GLY B 166 0.22 0.60 -25.57
CA GLY B 166 0.24 0.97 -26.99
C GLY B 166 0.32 -0.22 -27.93
N ALA B 167 1.47 -0.88 -27.90
CA ALA B 167 1.66 -2.12 -28.64
C ALA B 167 0.74 -3.18 -28.08
N ASP B 168 0.39 -4.16 -28.91
CA ASP B 168 -0.45 -5.28 -28.49
C ASP B 168 0.39 -6.31 -27.73
N VAL B 169 0.68 -5.99 -26.47
CA VAL B 169 1.48 -6.84 -25.56
C VAL B 169 0.61 -7.08 -24.32
N PRO B 170 -0.30 -8.08 -24.38
CA PRO B 170 -1.24 -8.30 -23.28
C PRO B 170 -0.61 -8.51 -21.89
N ALA B 171 0.56 -9.14 -21.81
CA ALA B 171 1.24 -9.27 -20.50
C ALA B 171 1.57 -7.90 -19.86
N ALA B 172 2.02 -6.96 -20.69
CA ALA B 172 2.37 -5.62 -20.23
C ALA B 172 1.10 -4.85 -19.85
N VAL B 173 0.03 -5.02 -20.63
CA VAL B 173 -1.27 -4.39 -20.31
C VAL B 173 -1.74 -4.87 -18.93
N ARG B 174 -1.68 -6.17 -18.69
CA ARG B 174 -2.13 -6.73 -17.41
C ARG B 174 -1.22 -6.25 -16.28
N GLU B 175 0.07 -6.16 -16.54
CA GLU B 175 1.02 -5.73 -15.51
C GLU B 175 0.85 -4.26 -15.14
N PHE B 176 0.74 -3.41 -16.14
CA PHE B 176 0.48 -1.99 -15.87
C PHE B 176 -0.86 -1.80 -15.15
N SER B 177 -1.88 -2.55 -15.54
CA SER B 177 -3.18 -2.48 -14.92
C SER B 177 -3.04 -2.90 -13.44
N ARG B 178 -2.23 -3.92 -13.18
CA ARG B 178 -2.03 -4.39 -11.81
C ARG B 178 -1.53 -3.26 -10.88
N THR B 179 -0.49 -2.58 -11.32
CA THR B 179 0.14 -1.58 -10.49
C THR B 179 -0.75 -0.33 -10.41
N LEU B 180 -1.47 -0.02 -11.48
CA LEU B 180 -2.49 1.06 -11.40
C LEU B 180 -3.61 0.75 -10.40
N PHE B 181 -4.05 -0.51 -10.39
CA PHE B 181 -5.06 -0.98 -9.42
C PHE B 181 -4.57 -1.02 -7.96
N ASN B 182 -3.26 -0.96 -7.74
CA ASN B 182 -2.71 -0.88 -6.38
C ASN B 182 -2.68 0.54 -5.84
N MET B 183 -2.75 1.52 -6.74
CA MET B 183 -2.82 2.95 -6.34
C MET B 183 -4.21 3.33 -5.84
N ARG B 184 -4.28 4.10 -4.76
CA ARG B 184 -5.58 4.54 -4.24
C ARG B 184 -6.18 5.55 -5.28
N PRO B 185 -7.47 5.39 -5.69
CA PRO B 185 -7.99 6.16 -6.84
C PRO B 185 -7.88 7.66 -6.69
N ASP B 186 -8.09 8.19 -5.48
CA ASP B 186 -7.89 9.62 -5.26
C ASP B 186 -6.44 10.10 -5.39
N ILE B 187 -5.46 9.24 -5.05
CA ILE B 187 -4.04 9.53 -5.30
C ILE B 187 -3.78 9.58 -6.80
N THR B 188 -4.25 8.57 -7.54
CA THR B 188 -4.04 8.54 -8.97
C THR B 188 -4.60 9.80 -9.66
N LEU B 189 -5.78 10.22 -9.24
CA LEU B 189 -6.42 11.38 -9.83
C LEU B 189 -5.64 12.65 -9.48
N PHE B 190 -5.25 12.76 -8.23
CA PHE B 190 -4.54 13.97 -7.74
C PHE B 190 -3.20 14.13 -8.46
N VAL B 191 -2.46 13.02 -8.57
CA VAL B 191 -1.17 13.02 -9.27
C VAL B 191 -1.36 13.41 -10.73
N SER B 192 -2.37 12.82 -11.36
CA SER B 192 -2.69 13.16 -12.75
C SER B 192 -2.97 14.65 -12.93
N ARG B 193 -3.83 15.20 -12.08
CA ARG B 193 -4.11 16.65 -12.13
C ARG B 193 -2.84 17.48 -11.91
N THR B 194 -2.00 17.05 -10.96
CA THR B 194 -0.75 17.73 -10.65
C THR B 194 0.11 17.87 -11.91
N VAL B 195 0.25 16.77 -12.63
CA VAL B 195 1.15 16.77 -13.78
C VAL B 195 0.51 17.42 -15.01
N PHE B 196 -0.78 17.24 -15.24
CA PHE B 196 -1.46 17.97 -16.32
C PHE B 196 -1.41 19.49 -16.07
N ASN B 197 -1.40 19.88 -14.81
CA ASN B 197 -1.28 21.30 -14.46
C ASN B 197 0.14 21.86 -14.62
N SER B 198 1.13 20.98 -14.56
N SER B 198 1.13 20.98 -14.66
CA SER B 198 2.53 21.32 -14.71
CA SER B 198 2.52 21.37 -14.73
C SER B 198 2.90 21.83 -16.08
C SER B 198 2.94 21.79 -16.11
N ASP B 199 3.87 22.73 -16.14
CA ASP B 199 4.45 23.21 -17.39
C ASP B 199 5.93 23.45 -17.08
N MET B 200 6.75 22.52 -17.51
CA MET B 200 8.19 22.58 -17.32
C MET B 200 8.91 23.30 -18.46
N ARG B 201 8.19 23.79 -19.47
CA ARG B 201 8.87 24.38 -20.63
C ARG B 201 9.83 25.50 -20.26
N GLY B 202 9.45 26.34 -19.29
CA GLY B 202 10.24 27.53 -18.93
C GLY B 202 11.57 27.24 -18.25
N VAL B 203 11.72 26.06 -17.68
CA VAL B 203 12.93 25.71 -16.95
C VAL B 203 13.90 24.83 -17.74
N LEU B 204 13.47 24.35 -18.91
CA LEU B 204 14.30 23.38 -19.65
C LEU B 204 15.69 23.90 -19.95
N GLY B 205 15.78 25.20 -20.26
CA GLY B 205 17.05 25.82 -20.62
C GLY B 205 18.03 25.94 -19.49
N LEU B 206 17.53 25.81 -18.25
CA LEU B 206 18.39 25.86 -17.05
C LEU B 206 19.22 24.61 -16.85
N VAL B 207 18.80 23.50 -17.47
CA VAL B 207 19.51 22.22 -17.37
C VAL B 207 20.83 22.31 -18.13
N LYS B 208 21.91 21.84 -17.53
CA LYS B 208 23.22 21.88 -18.19
C LYS B 208 23.87 20.54 -18.42
N VAL B 209 23.31 19.50 -17.83
CA VAL B 209 23.86 18.16 -18.00
C VAL B 209 23.34 17.59 -19.32
N PRO B 210 24.07 16.63 -19.90
CA PRO B 210 23.58 16.00 -21.14
C PRO B 210 22.31 15.19 -20.92
N CYS B 211 21.39 15.28 -21.87
CA CYS B 211 20.15 14.52 -21.81
C CYS B 211 20.02 13.61 -23.03
N HIS B 212 19.73 12.34 -22.76
CA HIS B 212 19.35 11.37 -23.77
C HIS B 212 17.84 11.22 -23.71
N ILE B 213 17.16 11.59 -24.79
CA ILE B 213 15.71 11.58 -24.86
C ILE B 213 15.29 10.31 -25.62
N PHE B 214 14.77 9.34 -24.89
CA PHE B 214 14.30 8.07 -25.46
C PHE B 214 12.84 8.24 -25.81
N GLN B 215 12.56 8.17 -27.11
CA GLN B 215 11.22 8.40 -27.65
C GLN B 215 10.77 7.17 -28.42
N THR B 216 9.65 6.60 -28.01
CA THR B 216 9.08 5.43 -28.67
C THR B 216 8.16 5.89 -29.79
N ALA B 217 7.67 4.95 -30.57
CA ALA B 217 6.71 5.25 -31.65
C ALA B 217 5.31 5.22 -31.02
N ARG B 218 4.43 6.10 -31.49
CA ARG B 218 3.04 6.15 -31.08
C ARG B 218 2.89 6.08 -29.56
N ASP B 219 3.58 6.99 -28.89
CA ASP B 219 3.49 7.09 -27.44
C ASP B 219 2.24 7.90 -27.13
N HIS B 220 1.28 7.26 -26.48
CA HIS B 220 0.00 7.89 -26.14
C HIS B 220 0.14 9.23 -25.38
N SER B 221 1.15 9.33 -24.52
CA SER B 221 1.39 10.51 -23.69
C SER B 221 2.31 11.55 -24.30
N VAL B 222 3.03 11.19 -25.37
CA VAL B 222 4.16 11.98 -25.88
C VAL B 222 4.24 11.97 -27.41
N PRO B 223 3.74 13.03 -28.06
CA PRO B 223 3.91 13.15 -29.50
C PRO B 223 5.38 13.23 -29.85
N ALA B 224 5.73 12.70 -31.03
CA ALA B 224 7.11 12.78 -31.55
C ALA B 224 7.66 14.20 -31.45
N SER B 225 6.84 15.17 -31.79
CA SER B 225 7.26 16.59 -31.75
C SER B 225 7.69 17.07 -30.36
N VAL B 226 7.16 16.47 -29.28
CA VAL B 226 7.61 16.78 -27.93
C VAL B 226 9.05 16.33 -27.66
N ALA B 227 9.44 15.16 -28.18
CA ALA B 227 10.82 14.74 -28.05
C ALA B 227 11.76 15.74 -28.70
N THR B 228 11.38 16.19 -29.89
CA THR B 228 12.14 17.21 -30.63
C THR B 228 12.17 18.52 -29.85
N TYR B 229 11.04 18.88 -29.24
CA TYR B 229 10.95 20.07 -28.41
C TYR B 229 11.96 19.98 -27.24
N LEU B 230 11.99 18.83 -26.55
CA LEU B 230 12.98 18.60 -25.49
C LEU B 230 14.40 18.74 -26.02
N LYS B 231 14.68 18.15 -27.17
CA LYS B 231 15.99 18.27 -27.81
C LYS B 231 16.40 19.71 -28.05
N ASN B 232 15.46 20.53 -28.50
CA ASN B 232 15.74 21.91 -28.83
C ASN B 232 15.77 22.87 -27.66
N HIS B 233 15.14 22.51 -26.53
CA HIS B 233 15.03 23.47 -25.38
C HIS B 233 15.78 23.12 -24.10
N LEU B 234 16.06 21.84 -23.88
CA LEU B 234 16.95 21.46 -22.76
C LEU B 234 18.31 22.11 -22.95
N GLY B 235 18.85 22.73 -21.90
CA GLY B 235 20.02 23.56 -22.01
C GLY B 235 21.35 22.91 -22.30
N GLY B 236 21.48 21.61 -22.04
CA GLY B 236 22.73 20.89 -22.22
C GLY B 236 22.76 20.16 -23.57
N LYS B 237 23.72 19.26 -23.74
CA LYS B 237 23.85 18.52 -25.00
C LYS B 237 22.80 17.42 -25.01
N ASN B 238 21.93 17.45 -26.00
CA ASN B 238 20.80 16.54 -26.11
C ASN B 238 20.92 15.62 -27.30
N THR B 239 20.47 14.38 -27.10
CA THR B 239 20.49 13.33 -28.12
C THR B 239 19.13 12.67 -28.07
N VAL B 240 18.43 12.57 -29.20
CA VAL B 240 17.17 11.80 -29.23
C VAL B 240 17.49 10.38 -29.72
N HIS B 241 16.93 9.39 -29.03
CA HIS B 241 16.99 7.99 -29.45
C HIS B 241 15.58 7.59 -29.86
N TRP B 242 15.38 7.44 -31.17
CA TRP B 242 14.10 7.04 -31.73
C TRP B 242 14.05 5.52 -31.65
N LEU B 243 13.44 5.03 -30.57
CA LEU B 243 13.44 3.58 -30.31
C LEU B 243 12.55 2.86 -31.28
N ASN B 244 12.98 1.66 -31.66
CA ASN B 244 12.16 0.79 -32.50
C ASN B 244 11.21 0.01 -31.59
N ILE B 245 10.40 0.73 -30.85
CA ILE B 245 9.52 0.18 -29.82
C ILE B 245 8.31 1.05 -29.85
N GLU B 246 7.11 0.44 -29.82
CA GLU B 246 5.86 1.19 -29.75
C GLU B 246 5.36 1.28 -28.32
N GLY B 247 4.91 2.46 -27.91
CA GLY B 247 4.17 2.64 -26.67
C GLY B 247 4.88 3.40 -25.58
N HIS B 248 4.15 3.73 -24.51
CA HIS B 248 4.66 4.65 -23.50
C HIS B 248 5.51 3.93 -22.43
N LEU B 249 5.45 2.59 -22.39
CA LEU B 249 6.08 1.82 -21.32
C LEU B 249 7.06 0.78 -21.86
N PRO B 250 8.11 1.24 -22.58
CA PRO B 250 9.00 0.28 -23.25
C PRO B 250 9.74 -0.67 -22.29
N HIS B 251 10.05 -0.21 -21.09
CA HIS B 251 10.58 -1.08 -20.04
C HIS B 251 9.67 -2.26 -19.66
N LEU B 252 8.36 -2.11 -19.77
CA LEU B 252 7.42 -3.21 -19.58
C LEU B 252 7.24 -4.06 -20.82
N SER B 253 7.18 -3.43 -22.00
CA SER B 253 6.74 -4.09 -23.22
C SER B 253 7.89 -4.63 -24.10
N ALA B 254 9.05 -4.00 -24.08
CA ALA B 254 10.23 -4.38 -24.85
C ALA B 254 11.52 -4.21 -24.05
N PRO B 255 11.63 -4.91 -22.93
CA PRO B 255 12.77 -4.64 -22.06
C PRO B 255 14.14 -4.98 -22.64
N THR B 256 14.27 -6.10 -23.35
CA THR B 256 15.55 -6.45 -23.94
C THR B 256 16.05 -5.36 -24.88
N LEU B 257 15.18 -4.87 -25.74
CA LEU B 257 15.61 -3.82 -26.67
C LEU B 257 15.88 -2.50 -25.91
N LEU B 258 15.02 -2.17 -24.94
CA LEU B 258 15.23 -0.95 -24.15
C LEU B 258 16.56 -0.98 -23.40
N ALA B 259 16.87 -2.13 -22.79
CA ALA B 259 18.13 -2.29 -22.06
C ALA B 259 19.32 -2.00 -22.97
N GLN B 260 19.30 -2.47 -24.21
CA GLN B 260 20.43 -2.27 -25.12
C GLN B 260 20.66 -0.80 -25.46
N GLU B 261 19.57 -0.07 -25.69
CA GLU B 261 19.68 1.37 -25.96
C GLU B 261 20.13 2.12 -24.74
N LEU B 262 19.68 1.72 -23.55
CA LEU B 262 20.14 2.34 -22.30
C LEU B 262 21.64 2.14 -22.15
N ARG B 263 22.13 0.92 -22.43
CA ARG B 263 23.56 0.67 -22.36
C ARG B 263 24.35 1.58 -23.32
N ARG B 264 23.81 1.78 -24.51
CA ARG B 264 24.47 2.63 -25.51
C ARG B 264 24.55 4.08 -25.06
N ALA B 265 23.42 4.57 -24.55
CA ALA B 265 23.35 5.93 -24.07
C ALA B 265 24.31 6.14 -22.90
N LEU B 266 24.39 5.18 -21.99
CA LEU B 266 25.23 5.31 -20.80
C LEU B 266 26.72 5.26 -21.14
N SER B 267 27.08 4.53 -22.19
CA SER B 267 28.46 4.45 -22.66
C SER B 267 28.93 5.71 -23.40
N HIS B 268 28.00 6.52 -23.93
CA HIS B 268 28.34 7.80 -24.62
C HIS B 268 29.05 8.82 -23.68
C4 TLF C . -17.31 -7.36 4.85
C5 TLF C . -16.53 -7.57 6.00
C6 TLF C . -17.12 -7.69 7.27
C8 TLF C . -15.33 -8.79 8.55
C9 TLF C . -14.67 -9.52 7.54
C10 TLF C . -13.51 -10.21 7.79
C11 TLF C . -12.96 -10.25 9.05
C12 TLF C . -13.59 -9.58 10.11
C13 TLF C . -14.74 -8.84 9.91
C14 TLF C . -15.38 -8.09 11.08
O16 TLF C . -16.43 -7.48 10.94
O15 TLF C . -14.70 -8.10 12.23
N7 TLF C . -16.43 -8.01 8.40
C1 TLF C . -18.57 -7.58 7.37
C17 TLF C . -19.37 -7.67 8.67
C2 TLF C . -19.34 -7.35 6.13
CL TLF C . -21.09 -7.21 6.24
C3 TLF C . -18.67 -7.26 4.92
C4 TLF D . -4.17 10.25 -16.39
C5 TLF D . -2.79 10.15 -16.35
C6 TLF D . -2.00 10.19 -17.53
C8 TLF D . 0.21 10.74 -16.65
C9 TLF D . -0.17 11.48 -15.50
C10 TLF D . 0.80 11.89 -14.61
C11 TLF D . 2.12 11.70 -14.82
C12 TLF D . 2.58 11.01 -15.96
C13 TLF D . 1.66 10.54 -16.88
C14 TLF D . 2.17 9.78 -18.09
O16 TLF D . 1.36 9.39 -18.93
O15 TLF D . 3.45 9.51 -18.13
N7 TLF D . -0.67 10.22 -17.56
C1 TLF D . -2.72 10.32 -18.82
C17 TLF D . -2.03 10.39 -20.18
C2 TLF D . -4.18 10.41 -18.79
CL TLF D . -5.08 10.56 -20.33
C3 TLF D . -4.88 10.37 -17.58
#